data_3UCS
#
_entry.id   3UCS
#
_cell.length_a   52.816
_cell.length_b   77.094
_cell.length_c   111.231
_cell.angle_alpha   90.000
_cell.angle_beta   90.000
_cell.angle_gamma   90.000
#
_symmetry.space_group_name_H-M   'P 21 21 21'
#
loop_
_entity.id
_entity.type
_entity.pdbx_description
1 polymer 'Chaperone-modulator protein CbpM'
2 polymer 'Curved DNA-binding protein'
3 water water
#
loop_
_entity_poly.entity_id
_entity_poly.type
_entity_poly.pdbx_seq_one_letter_code
_entity_poly.pdbx_strand_id
1 'polypeptide(L)'
;GSATVTVTFTITELCLRTGVSEEELTEIVGLGMIEPHQPQADTWLFDDSAVTIVHRAVRLRNELELDWPGIAVALTLLDE
NARLTRENRLLQQRLARFLAHG
;
A,B
2 'polypeptide(L)' GSELKDYYAIMGVKPTDDLKTIKTAYRRLARKYHPDVSKEPDAEARFKEVAEAWEVLSDEQRRAEYDQMWQHRN C,D
#
# COMPACT_ATOMS: atom_id res chain seq x y z
N ALA A 3 19.28 12.51 32.57
CA ALA A 3 18.12 13.03 33.35
C ALA A 3 16.74 12.59 32.86
N THR A 4 16.51 12.43 31.56
CA THR A 4 15.20 11.91 31.10
C THR A 4 15.17 10.40 30.83
N VAL A 5 14.11 9.76 31.33
CA VAL A 5 14.08 8.33 31.45
C VAL A 5 12.98 7.76 30.56
N THR A 6 13.34 6.79 29.73
CA THR A 6 12.39 6.10 28.88
C THR A 6 12.41 4.62 29.20
N VAL A 7 11.27 4.12 29.68
CA VAL A 7 11.14 2.71 30.02
C VAL A 7 11.19 1.86 28.75
N THR A 8 12.02 0.84 28.75
CA THR A 8 12.17 0.04 27.54
C THR A 8 11.85 -1.40 27.90
N PHE A 9 11.66 -2.22 26.87
CA PHE A 9 11.26 -3.60 27.04
C PHE A 9 11.62 -4.44 25.80
N THR A 10 11.62 -5.76 25.93
CA THR A 10 12.10 -6.66 24.88
C THR A 10 11.09 -6.81 23.74
N ILE A 11 11.54 -7.41 22.64
CA ILE A 11 10.63 -7.76 21.53
C ILE A 11 9.55 -8.73 22.02
N THR A 12 9.87 -9.53 23.04
CA THR A 12 8.91 -10.46 23.61
C THR A 12 7.79 -9.68 24.28
N GLU A 13 8.13 -8.60 24.97
CA GLU A 13 7.13 -7.77 25.62
C GLU A 13 6.35 -6.98 24.56
N LEU A 14 7.05 -6.53 23.54
CA LEU A 14 6.39 -5.87 22.41
C LEU A 14 5.34 -6.78 21.76
N CYS A 15 5.68 -8.06 21.60
CA CYS A 15 4.77 -9.09 21.07
C CYS A 15 3.56 -9.25 21.99
N LEU A 16 3.80 -9.36 23.29
CA LEU A 16 2.73 -9.48 24.28
C LEU A 16 1.75 -8.30 24.20
N ARG A 17 2.28 -7.08 24.02
CA ARG A 17 1.43 -5.87 24.02
C ARG A 17 0.69 -5.63 22.71
N THR A 18 1.12 -6.30 21.65
CA THR A 18 0.54 -6.03 20.34
C THR A 18 -0.13 -7.24 19.70
N GLY A 19 0.23 -8.45 20.12
CA GLY A 19 -0.34 -9.64 19.48
C GLY A 19 0.24 -9.93 18.11
N VAL A 20 1.36 -9.27 17.80
CA VAL A 20 2.07 -9.46 16.55
C VAL A 20 3.31 -10.30 16.87
N SER A 21 3.52 -11.34 16.08
CA SER A 21 4.58 -12.31 16.38
C SER A 21 5.97 -11.65 16.34
N GLU A 22 6.94 -12.21 17.06
CA GLU A 22 8.31 -11.70 16.99
C GLU A 22 8.91 -11.69 15.57
N GLU A 23 8.59 -12.70 14.76
CA GLU A 23 9.05 -12.74 13.37
C GLU A 23 8.50 -11.53 12.60
N GLU A 24 7.22 -11.27 12.75
CA GLU A 24 6.58 -10.10 12.09
C GLU A 24 7.11 -8.77 12.62
N LEU A 25 7.27 -8.67 13.94
CA LEU A 25 7.90 -7.48 14.52
C LEU A 25 9.31 -7.22 13.99
N THR A 26 10.05 -8.28 13.72
CA THR A 26 11.39 -8.19 13.17
C THR A 26 11.36 -7.61 11.75
N GLU A 27 10.36 -8.01 10.96
CA GLU A 27 10.15 -7.40 9.63
C GLU A 27 9.74 -5.92 9.76
N ILE A 28 8.82 -5.63 10.67
CA ILE A 28 8.41 -4.26 10.92
C ILE A 28 9.61 -3.35 11.29
N VAL A 29 10.54 -3.86 12.10
CA VAL A 29 11.81 -3.18 12.38
C VAL A 29 12.61 -2.98 11.09
N GLY A 30 12.73 -4.06 10.31
CA GLY A 30 13.53 -4.03 9.08
C GLY A 30 12.99 -3.04 8.09
N LEU A 31 11.66 -2.83 8.14
CA LEU A 31 10.99 -1.90 7.23
C LEU A 31 11.11 -0.47 7.72
N GLY A 32 11.73 -0.28 8.89
CA GLY A 32 11.92 1.06 9.44
C GLY A 32 10.68 1.68 10.07
N MET A 33 9.67 0.86 10.37
CA MET A 33 8.44 1.39 10.97
C MET A 33 8.68 1.69 12.44
N ILE A 34 9.47 0.87 13.10
CA ILE A 34 9.87 1.15 14.48
C ILE A 34 11.37 0.96 14.59
N GLU A 35 11.96 1.58 15.60
CA GLU A 35 13.39 1.46 15.80
C GLU A 35 13.71 1.02 17.22
N PRO A 36 14.51 -0.04 17.37
CA PRO A 36 14.94 -0.35 18.74
C PRO A 36 15.91 0.72 19.26
N HIS A 37 15.99 0.88 20.57
CA HIS A 37 16.84 1.91 21.15
C HIS A 37 18.31 1.80 20.73
N GLN A 38 18.85 0.59 20.78
CA GLN A 38 20.15 0.31 20.19
C GLN A 38 20.01 -0.77 19.12
N PRO A 39 19.90 -0.34 17.83
CA PRO A 39 19.65 -1.26 16.73
C PRO A 39 20.74 -2.33 16.60
N GLN A 40 21.97 -1.96 16.97
CA GLN A 40 23.12 -2.87 16.89
C GLN A 40 23.29 -3.76 18.14
N ALA A 41 22.73 -3.34 19.27
CA ALA A 41 22.85 -4.10 20.52
C ALA A 41 22.35 -5.53 20.36
N ASP A 42 22.95 -6.44 21.12
CA ASP A 42 22.61 -7.86 21.04
C ASP A 42 21.14 -8.13 21.37
N THR A 43 20.56 -7.28 22.22
CA THR A 43 19.14 -7.39 22.57
C THR A 43 18.43 -6.09 22.26
N TRP A 44 17.44 -6.14 21.36
CA TRP A 44 16.65 -4.98 20.99
C TRP A 44 15.77 -4.58 22.15
N LEU A 45 15.71 -3.29 22.41
CA LEU A 45 14.75 -2.79 23.38
C LEU A 45 13.94 -1.68 22.76
N PHE A 46 12.66 -1.67 23.11
CA PHE A 46 11.68 -0.77 22.55
C PHE A 46 11.03 0.01 23.66
N ASP A 47 10.44 1.16 23.29
CA ASP A 47 9.63 1.94 24.22
C ASP A 47 8.16 1.94 23.81
N ASP A 48 7.33 2.60 24.64
CA ASP A 48 5.88 2.63 24.43
C ASP A 48 5.50 3.17 23.05
N SER A 49 6.33 4.04 22.48
CA SER A 49 5.97 4.61 21.19
C SER A 49 5.97 3.55 20.10
N ALA A 50 6.80 2.52 20.24
CA ALA A 50 6.78 1.38 19.30
C ALA A 50 5.44 0.65 19.37
N VAL A 51 4.89 0.54 20.58
CA VAL A 51 3.59 -0.10 20.75
C VAL A 51 2.51 0.69 20.00
N THR A 52 2.53 2.01 20.15
CA THR A 52 1.57 2.91 19.49
C THR A 52 1.64 2.75 17.97
N ILE A 53 2.85 2.66 17.44
CA ILE A 53 3.07 2.54 15.98
C ILE A 53 2.54 1.19 15.48
N VAL A 54 2.89 0.13 16.20
CA VAL A 54 2.40 -1.18 15.79
C VAL A 54 0.86 -1.28 15.87
N HIS A 55 0.26 -0.72 16.91
CA HIS A 55 -1.21 -0.72 16.98
C HIS A 55 -1.83 -0.01 15.77
N ARG A 56 -1.31 1.15 15.39
CA ARG A 56 -1.84 1.85 14.21
C ARG A 56 -1.70 0.98 12.94
N ALA A 57 -0.57 0.29 12.83
CA ALA A 57 -0.30 -0.57 11.66
C ALA A 57 -1.22 -1.78 11.61
N VAL A 58 -1.48 -2.36 12.78
CA VAL A 58 -2.46 -3.46 12.89
C VAL A 58 -3.85 -3.00 12.47
N ARG A 59 -4.25 -1.80 12.92
CA ARG A 59 -5.56 -1.30 12.50
C ARG A 59 -5.65 -1.13 11.00
N LEU A 60 -4.60 -0.60 10.39
CA LEU A 60 -4.61 -0.52 8.91
C LEU A 60 -4.55 -1.88 8.22
N ARG A 61 -3.82 -2.84 8.80
CA ARG A 61 -3.81 -4.20 8.22
C ARG A 61 -5.22 -4.81 8.24
N ASN A 62 -5.94 -4.62 9.35
CA ASN A 62 -7.32 -5.11 9.44
C ASN A 62 -8.20 -4.40 8.41
N GLU A 63 -8.00 -3.10 8.27
CA GLU A 63 -8.82 -2.27 7.38
C GLU A 63 -8.57 -2.59 5.90
N LEU A 64 -7.29 -2.69 5.50
CA LEU A 64 -6.98 -2.82 4.07
C LEU A 64 -6.43 -4.18 3.64
N GLU A 65 -6.05 -5.01 4.62
CA GLU A 65 -5.43 -6.30 4.39
C GLU A 65 -4.20 -6.23 3.48
N LEU A 66 -3.27 -5.36 3.84
CA LEU A 66 -1.99 -5.30 3.14
C LEU A 66 -0.94 -6.02 3.97
N ASP A 67 0.07 -6.58 3.30
CA ASP A 67 1.27 -7.07 3.99
C ASP A 67 2.06 -5.90 4.56
N TRP A 68 3.02 -6.16 5.44
CA TRP A 68 3.68 -5.04 6.17
C TRP A 68 4.40 -4.01 5.26
N PRO A 69 5.10 -4.46 4.20
CA PRO A 69 5.69 -3.40 3.36
C PRO A 69 4.63 -2.42 2.82
N GLY A 70 3.47 -2.93 2.42
CA GLY A 70 2.40 -2.09 1.83
C GLY A 70 1.79 -1.19 2.91
N ILE A 71 1.64 -1.74 4.13
CA ILE A 71 1.20 -0.92 5.26
C ILE A 71 2.19 0.22 5.55
N ALA A 72 3.50 -0.05 5.60
CA ALA A 72 4.44 1.01 5.86
C ALA A 72 4.27 2.19 4.90
N VAL A 73 4.21 1.87 3.61
CA VAL A 73 4.05 2.94 2.58
C VAL A 73 2.70 3.63 2.72
N ALA A 74 1.64 2.84 2.92
CA ALA A 74 0.32 3.44 3.07
C ALA A 74 0.26 4.44 4.23
N LEU A 75 0.88 4.10 5.37
CA LEU A 75 0.86 4.97 6.54
C LEU A 75 1.62 6.27 6.27
N THR A 76 2.75 6.14 5.60
CA THR A 76 3.51 7.34 5.18
C THR A 76 2.67 8.25 4.28
N LEU A 77 2.01 7.66 3.28
CA LEU A 77 1.18 8.43 2.37
C LEU A 77 -0.05 9.02 3.07
N LEU A 78 -0.60 8.30 4.06
CA LEU A 78 -1.72 8.81 4.82
C LEU A 78 -1.29 9.97 5.73
N ASP A 79 -0.05 9.95 6.20
CA ASP A 79 0.48 11.07 7.01
C ASP A 79 0.58 12.31 6.11
N GLU A 80 1.03 12.09 4.88
CA GLU A 80 1.07 13.16 3.86
C GLU A 80 -0.34 13.65 3.50
N ASN A 81 -1.30 12.73 3.34
CA ASN A 81 -2.68 13.12 3.11
C ASN A 81 -3.22 14.03 4.24
N ALA A 82 -2.93 13.66 5.50
CA ALA A 82 -3.41 14.43 6.65
C ALA A 82 -2.75 15.83 6.64
N ARG A 83 -1.46 15.89 6.30
CA ARG A 83 -0.76 17.17 6.19
C ARG A 83 -1.43 18.07 5.14
N LEU A 84 -1.71 17.51 3.97
CA LEU A 84 -2.31 18.29 2.88
C LEU A 84 -3.73 18.72 3.24
N THR A 85 -4.45 17.84 3.94
CA THR A 85 -5.79 18.17 4.42
C THR A 85 -5.78 19.33 5.44
N ARG A 86 -4.85 19.32 6.39
CA ARG A 86 -4.71 20.43 7.36
C ARG A 86 -4.41 21.74 6.62
N GLU A 87 -3.52 21.67 5.64
CA GLU A 87 -3.23 22.84 4.80
C GLU A 87 -4.47 23.33 4.00
N ASN A 88 -5.21 22.39 3.41
CA ASN A 88 -6.45 22.70 2.69
C ASN A 88 -7.40 23.46 3.58
N ARG A 89 -7.57 22.96 4.80
CA ARG A 89 -8.50 23.58 5.74
C ARG A 89 -8.06 24.96 6.14
N LEU A 90 -6.77 25.15 6.36
CA LEU A 90 -6.23 26.46 6.74
C LEU A 90 -6.44 27.47 5.58
N LEU A 91 -6.18 27.02 4.35
CA LEU A 91 -6.40 27.89 3.18
C LEU A 91 -7.88 28.23 3.02
N GLN A 92 -8.76 27.25 3.22
CA GLN A 92 -10.20 27.53 3.18
C GLN A 92 -10.61 28.55 4.26
N GLN A 93 -10.04 28.42 5.45
CA GLN A 93 -10.34 29.38 6.52
C GLN A 93 -9.86 30.79 6.17
N ARG A 94 -8.70 30.91 5.53
CA ARG A 94 -8.20 32.22 5.13
C ARG A 94 -9.08 32.89 4.07
N LEU A 95 -9.62 32.09 3.15
CA LEU A 95 -10.56 32.58 2.13
C LEU A 95 -11.83 33.09 2.83
N ALA A 96 -12.36 32.32 3.79
CA ALA A 96 -13.55 32.77 4.55
C ALA A 96 -13.28 34.08 5.32
N ARG A 97 -12.10 34.16 5.93
CA ARG A 97 -11.70 35.36 6.68
C ARG A 97 -11.66 36.56 5.75
N PHE A 98 -11.13 36.36 4.54
CA PHE A 98 -11.11 37.47 3.56
C PHE A 98 -12.52 37.91 3.19
N LEU A 99 -13.38 36.94 2.82
CA LEU A 99 -14.75 37.22 2.42
C LEU A 99 -15.57 37.92 3.51
N ALA A 100 -15.23 37.65 4.76
CA ALA A 100 -15.93 38.24 5.89
C ALA A 100 -15.37 39.58 6.37
N HIS A 101 -14.36 40.13 5.70
CA HIS A 101 -13.72 41.32 6.28
C HIS A 101 -14.27 42.64 5.75
N ALA B 3 -6.38 9.64 -36.89
CA ALA B 3 -6.18 8.18 -36.99
C ALA B 3 -6.60 7.52 -35.68
N THR B 4 -7.82 7.80 -35.26
CA THR B 4 -8.37 7.20 -34.03
C THR B 4 -8.58 5.71 -34.22
N VAL B 5 -8.30 4.97 -33.17
CA VAL B 5 -8.45 3.54 -33.19
C VAL B 5 -8.86 3.06 -31.80
N THR B 6 -9.45 1.87 -31.73
CA THR B 6 -9.65 1.17 -30.47
C THR B 6 -8.81 -0.09 -30.54
N VAL B 7 -7.96 -0.24 -29.53
CA VAL B 7 -7.08 -1.40 -29.44
C VAL B 7 -7.50 -2.29 -28.27
N THR B 8 -7.68 -3.56 -28.58
CA THR B 8 -8.21 -4.52 -27.64
C THR B 8 -7.17 -5.64 -27.49
N PHE B 9 -6.91 -6.05 -26.25
CA PHE B 9 -5.95 -7.11 -25.93
C PHE B 9 -6.69 -8.25 -25.24
N THR B 10 -6.29 -9.49 -25.55
CA THR B 10 -6.68 -10.65 -24.77
CA THR B 10 -6.72 -10.60 -24.74
C THR B 10 -5.79 -10.65 -23.51
N ILE B 11 -6.12 -11.52 -22.55
CA ILE B 11 -5.25 -11.77 -21.37
C ILE B 11 -3.78 -12.04 -21.78
N THR B 12 -3.59 -12.93 -22.78
CA THR B 12 -2.24 -13.29 -23.22
C THR B 12 -1.49 -12.14 -23.83
N GLU B 13 -2.16 -11.36 -24.68
CA GLU B 13 -1.57 -10.17 -25.30
C GLU B 13 -1.21 -9.10 -24.28
N LEU B 14 -2.10 -8.89 -23.31
CA LEU B 14 -1.84 -7.92 -22.24
C LEU B 14 -0.63 -8.35 -21.40
N CYS B 15 -0.57 -9.65 -21.07
CA CYS B 15 0.56 -10.18 -20.33
CA CYS B 15 0.56 -10.26 -20.35
C CYS B 15 1.89 -10.01 -21.06
N LEU B 16 1.89 -10.28 -22.36
CA LEU B 16 3.06 -10.03 -23.21
C LEU B 16 3.45 -8.53 -23.28
N ARG B 17 2.47 -7.65 -23.38
CA ARG B 17 2.76 -6.20 -23.47
C ARG B 17 3.32 -5.59 -22.18
N THR B 18 2.86 -6.08 -21.03
CA THR B 18 3.15 -5.40 -19.77
C THR B 18 4.17 -6.14 -18.91
N GLY B 19 4.39 -7.42 -19.23
CA GLY B 19 5.40 -8.23 -18.56
C GLY B 19 4.90 -8.93 -17.32
N VAL B 20 3.63 -8.79 -16.99
CA VAL B 20 3.03 -9.45 -15.82
C VAL B 20 2.50 -10.83 -16.23
N SER B 21 2.53 -11.80 -15.32
CA SER B 21 2.04 -13.14 -15.65
C SER B 21 0.51 -13.15 -15.67
N GLU B 22 -0.08 -14.19 -16.26
CA GLU B 22 -1.55 -14.34 -16.23
C GLU B 22 -2.10 -14.38 -14.81
N GLU B 23 -1.37 -15.04 -13.90
CA GLU B 23 -1.80 -15.12 -12.51
C GLU B 23 -1.80 -13.72 -11.88
N GLU B 24 -0.75 -12.95 -12.11
CA GLU B 24 -0.67 -11.57 -11.60
C GLU B 24 -1.76 -10.68 -12.19
N LEU B 25 -2.00 -10.81 -13.49
CA LEU B 25 -3.09 -10.09 -14.14
C LEU B 25 -4.45 -10.37 -13.50
N THR B 26 -4.70 -11.63 -13.15
CA THR B 26 -5.95 -11.99 -12.48
C THR B 26 -6.12 -11.27 -11.15
N GLU B 27 -5.04 -11.20 -10.39
CA GLU B 27 -5.06 -10.46 -9.11
C GLU B 27 -5.24 -8.95 -9.33
N ILE B 28 -4.53 -8.40 -10.33
CA ILE B 28 -4.64 -6.99 -10.68
C ILE B 28 -6.10 -6.64 -11.02
N VAL B 29 -6.75 -7.49 -11.81
CA VAL B 29 -8.20 -7.32 -12.07
C VAL B 29 -9.06 -7.43 -10.82
N GLY B 30 -8.77 -8.46 -10.01
CA GLY B 30 -9.52 -8.68 -8.77
C GLY B 30 -9.41 -7.53 -7.81
N LEU B 31 -8.24 -6.88 -7.79
CA LEU B 31 -8.01 -5.74 -6.91
C LEU B 31 -8.68 -4.44 -7.41
N GLY B 32 -9.25 -4.50 -8.62
CA GLY B 32 -9.98 -3.36 -9.22
C GLY B 32 -9.09 -2.34 -9.87
N MET B 33 -7.86 -2.72 -10.16
CA MET B 33 -6.92 -1.79 -10.80
C MET B 33 -7.24 -1.53 -12.26
N ILE B 34 -7.74 -2.56 -12.95
CA ILE B 34 -8.23 -2.44 -14.34
C ILE B 34 -9.47 -3.29 -14.47
N GLU B 35 -10.26 -3.06 -15.52
CA GLU B 35 -11.38 -3.96 -15.75
C GLU B 35 -11.46 -4.36 -17.20
N PRO B 36 -11.82 -5.62 -17.46
CA PRO B 36 -12.09 -6.05 -18.81
C PRO B 36 -13.40 -5.45 -19.32
N HIS B 37 -13.65 -5.54 -20.61
CA HIS B 37 -14.91 -5.04 -21.17
C HIS B 37 -16.15 -5.65 -20.50
N GLN B 38 -16.14 -6.97 -20.32
CA GLN B 38 -17.23 -7.66 -19.64
C GLN B 38 -16.67 -8.64 -18.60
N PRO B 39 -16.74 -8.26 -17.31
CA PRO B 39 -16.08 -9.01 -16.23
C PRO B 39 -16.52 -10.48 -16.14
N GLN B 40 -17.82 -10.73 -16.30
CA GLN B 40 -18.35 -12.08 -16.18
C GLN B 40 -18.56 -12.75 -17.54
N ALA B 41 -18.01 -12.15 -18.60
CA ALA B 41 -17.93 -12.83 -19.89
C ALA B 41 -16.90 -13.95 -19.80
N ASP B 42 -17.07 -14.96 -20.64
CA ASP B 42 -16.23 -16.16 -20.62
C ASP B 42 -14.78 -15.86 -21.00
N THR B 43 -14.59 -14.83 -21.81
CA THR B 43 -13.26 -14.35 -22.19
C THR B 43 -13.10 -12.87 -21.86
N TRP B 44 -12.10 -12.54 -21.04
CA TRP B 44 -11.77 -11.14 -20.75
C TRP B 44 -11.07 -10.48 -21.93
N LEU B 45 -11.55 -9.29 -22.30
CA LEU B 45 -10.88 -8.46 -23.28
C LEU B 45 -10.56 -7.10 -22.66
N PHE B 46 -9.38 -6.58 -22.98
CA PHE B 46 -8.94 -5.32 -22.37
C PHE B 46 -8.71 -4.23 -23.39
N ASP B 47 -9.14 -3.02 -23.06
CA ASP B 47 -8.81 -1.84 -23.84
C ASP B 47 -7.36 -1.48 -23.56
N ASP B 48 -6.73 -0.75 -24.48
CA ASP B 48 -5.34 -0.35 -24.25
C ASP B 48 -5.13 0.68 -23.13
N SER B 49 -6.22 1.32 -22.69
CA SER B 49 -6.19 2.14 -21.48
C SER B 49 -5.73 1.32 -20.28
N ALA B 50 -6.07 0.03 -20.27
CA ALA B 50 -5.68 -0.87 -19.20
C ALA B 50 -4.16 -1.12 -19.21
N VAL B 51 -3.57 -1.25 -20.41
CA VAL B 51 -2.13 -1.45 -20.58
C VAL B 51 -1.29 -0.36 -19.88
N THR B 52 -1.70 0.88 -20.10
CA THR B 52 -1.10 2.07 -19.50
C THR B 52 -1.11 1.97 -17.96
N ILE B 53 -2.23 1.50 -17.42
CA ILE B 53 -2.40 1.38 -15.97
C ILE B 53 -1.45 0.33 -15.44
N VAL B 54 -1.38 -0.82 -16.12
CA VAL B 54 -0.49 -1.88 -15.69
C VAL B 54 0.99 -1.46 -15.76
N HIS B 55 1.38 -0.72 -16.80
CA HIS B 55 2.77 -0.25 -16.90
C HIS B 55 3.14 0.63 -15.70
N ARG B 56 2.23 1.53 -15.33
CA ARG B 56 2.46 2.40 -14.17
C ARG B 56 2.65 1.58 -12.89
N ALA B 57 1.78 0.59 -12.69
CA ALA B 57 1.82 -0.24 -11.49
C ALA B 57 3.05 -1.11 -11.48
N VAL B 58 3.47 -1.60 -12.65
CA VAL B 58 4.72 -2.32 -12.74
C VAL B 58 5.90 -1.41 -12.34
N ARG B 59 5.91 -0.16 -12.80
CA ARG B 59 7.00 0.74 -12.43
C ARG B 59 7.01 0.91 -10.91
N LEU B 60 5.85 1.12 -10.31
CA LEU B 60 5.88 1.32 -8.85
C LEU B 60 6.26 0.06 -8.09
N ARG B 61 5.80 -1.10 -8.57
CA ARG B 61 6.21 -2.37 -7.94
C ARG B 61 7.72 -2.47 -7.90
N ASN B 62 8.38 -2.10 -9.01
CA ASN B 62 9.84 -2.14 -9.09
C ASN B 62 10.50 -1.10 -8.17
N GLU B 63 9.93 0.10 -8.14
CA GLU B 63 10.56 1.20 -7.41
C GLU B 63 10.40 1.10 -5.89
N LEU B 64 9.29 0.51 -5.42
CA LEU B 64 9.02 0.37 -3.97
C LEU B 64 9.02 -1.08 -3.50
N GLU B 65 9.02 -2.03 -4.43
CA GLU B 65 8.96 -3.47 -4.10
C GLU B 65 7.81 -3.86 -3.16
N LEU B 66 6.61 -3.50 -3.57
CA LEU B 66 5.40 -3.91 -2.88
C LEU B 66 4.65 -4.96 -3.70
N ASP B 67 3.94 -5.87 -3.01
CA ASP B 67 2.99 -6.78 -3.68
CA ASP B 67 3.00 -6.77 -3.69
C ASP B 67 1.83 -5.97 -4.24
N TRP B 68 1.05 -6.59 -5.11
CA TRP B 68 -0.01 -5.86 -5.84
C TRP B 68 -1.06 -5.17 -4.96
N PRO B 69 -1.49 -5.77 -3.84
CA PRO B 69 -2.47 -5.02 -3.05
C PRO B 69 -1.89 -3.71 -2.50
N GLY B 70 -0.61 -3.73 -2.11
CA GLY B 70 0.06 -2.54 -1.60
C GLY B 70 0.27 -1.48 -2.68
N ILE B 71 0.54 -1.94 -3.90
CA ILE B 71 0.66 -1.06 -5.06
C ILE B 71 -0.65 -0.38 -5.39
N ALA B 72 -1.75 -1.11 -5.38
CA ALA B 72 -3.07 -0.54 -5.68
C ALA B 72 -3.37 0.60 -4.70
N VAL B 73 -3.12 0.33 -3.42
CA VAL B 73 -3.37 1.33 -2.36
C VAL B 73 -2.43 2.52 -2.52
N ALA B 74 -1.14 2.26 -2.69
CA ALA B 74 -0.16 3.36 -2.82
C ALA B 74 -0.53 4.27 -4.00
N LEU B 75 -0.91 3.68 -5.13
CA LEU B 75 -1.26 4.51 -6.29
C LEU B 75 -2.49 5.36 -6.01
N THR B 76 -3.48 4.77 -5.34
CA THR B 76 -4.70 5.52 -4.97
C THR B 76 -4.38 6.71 -4.05
N LEU B 77 -3.51 6.49 -3.07
CA LEU B 77 -3.10 7.57 -2.16
C LEU B 77 -2.23 8.63 -2.85
N LEU B 78 -1.28 8.19 -3.67
CA LEU B 78 -0.52 9.14 -4.46
C LEU B 78 -1.41 10.05 -5.31
N ASP B 79 -2.42 9.47 -5.95
CA ASP B 79 -3.32 10.24 -6.83
C ASP B 79 -4.22 11.18 -6.04
N GLU B 80 -4.69 10.73 -4.90
CA GLU B 80 -5.48 11.59 -4.02
C GLU B 80 -4.63 12.74 -3.48
N ASN B 81 -3.41 12.46 -3.03
CA ASN B 81 -2.50 13.52 -2.57
C ASN B 81 -2.17 14.51 -3.67
N ALA B 82 -1.94 13.99 -4.87
CA ALA B 82 -1.67 14.86 -6.01
C ALA B 82 -2.89 15.74 -6.28
N ARG B 83 -4.09 15.17 -6.18
CA ARG B 83 -5.33 15.93 -6.38
C ARG B 83 -5.46 17.03 -5.34
N LEU B 84 -5.21 16.70 -4.07
CA LEU B 84 -5.27 17.70 -2.99
C LEU B 84 -4.20 18.78 -3.16
N THR B 85 -3.01 18.39 -3.58
CA THR B 85 -1.96 19.36 -3.86
C THR B 85 -2.42 20.37 -4.91
N ARG B 86 -3.01 19.87 -6.00
CA ARG B 86 -3.56 20.76 -7.02
C ARG B 86 -4.66 21.67 -6.45
N GLU B 87 -5.57 21.11 -5.64
CA GLU B 87 -6.62 21.92 -5.01
CA GLU B 87 -6.62 21.90 -5.01
C GLU B 87 -6.03 23.00 -4.12
N ASN B 88 -5.04 22.63 -3.30
CA ASN B 88 -4.37 23.62 -2.43
C ASN B 88 -3.71 24.75 -3.21
N ARG B 89 -3.01 24.42 -4.30
CA ARG B 89 -2.45 25.46 -5.17
C ARG B 89 -3.52 26.39 -5.72
N LEU B 90 -4.67 25.82 -6.12
CA LEU B 90 -5.78 26.61 -6.59
C LEU B 90 -6.29 27.57 -5.51
N LEU B 91 -6.43 27.06 -4.29
CA LEU B 91 -6.93 27.93 -3.23
C LEU B 91 -5.94 29.02 -2.94
N GLN B 92 -4.64 28.71 -2.99
CA GLN B 92 -3.60 29.73 -2.79
C GLN B 92 -3.71 30.81 -3.87
N GLN B 93 -3.91 30.39 -5.11
CA GLN B 93 -4.06 31.35 -6.21
C GLN B 93 -5.33 32.21 -6.05
N ARG B 94 -6.41 31.58 -5.63
CA ARG B 94 -7.68 32.27 -5.42
C ARG B 94 -7.53 33.31 -4.33
N LEU B 95 -6.86 32.95 -3.23
CA LEU B 95 -6.63 33.87 -2.11
C LEU B 95 -5.78 35.05 -2.58
N ALA B 96 -4.75 34.78 -3.37
CA ALA B 96 -3.90 35.86 -3.92
C ALA B 96 -4.70 36.80 -4.85
N ARG B 97 -5.59 36.21 -5.64
CA ARG B 97 -6.47 36.97 -6.55
C ARG B 97 -7.42 37.85 -5.76
N PHE B 98 -8.03 37.27 -4.73
CA PHE B 98 -8.92 38.00 -3.81
C PHE B 98 -8.14 39.16 -3.16
N LEU B 99 -6.99 38.85 -2.58
CA LEU B 99 -6.18 39.85 -1.89
C LEU B 99 -5.74 40.99 -2.82
N ALA B 100 -5.47 40.65 -4.08
CA ALA B 100 -5.13 41.68 -5.09
C ALA B 100 -6.32 42.59 -5.41
N HIS B 101 -7.52 42.00 -5.44
CA HIS B 101 -8.78 42.72 -5.67
C HIS B 101 -9.07 43.61 -4.47
N GLY B 102 -8.91 43.03 -3.27
CA GLY B 102 -9.11 43.74 -2.01
C GLY B 102 -10.57 43.75 -1.57
N GLY C 1 -36.45 -12.88 14.27
CA GLY C 1 -36.29 -11.53 14.89
C GLY C 1 -34.90 -10.97 14.69
N SER C 2 -34.15 -11.57 13.76
CA SER C 2 -32.77 -11.17 13.46
C SER C 2 -32.60 -10.77 11.97
N GLU C 3 -31.36 -10.51 11.57
CA GLU C 3 -31.04 -10.22 10.16
C GLU C 3 -30.08 -11.23 9.58
N LEU C 4 -30.28 -11.56 8.30
CA LEU C 4 -29.28 -12.31 7.55
C LEU C 4 -29.07 -11.74 6.14
N LYS C 5 -27.89 -11.17 5.93
CA LYS C 5 -27.57 -10.48 4.69
C LYS C 5 -26.96 -11.40 3.63
N ASP C 6 -26.88 -10.89 2.40
CA ASP C 6 -26.34 -11.65 1.29
C ASP C 6 -24.87 -11.29 1.18
N TYR C 7 -24.02 -11.98 1.92
CA TYR C 7 -22.58 -11.63 2.01
C TYR C 7 -21.80 -11.78 0.71
N TYR C 8 -22.17 -12.78 -0.09
CA TYR C 8 -21.51 -12.98 -1.36
C TYR C 8 -21.82 -11.85 -2.34
N ALA C 9 -23.07 -11.40 -2.37
CA ALA C 9 -23.46 -10.26 -3.19
C ALA C 9 -22.81 -8.98 -2.71
N ILE C 10 -22.75 -8.78 -1.39
CA ILE C 10 -22.09 -7.62 -0.79
C ILE C 10 -20.64 -7.53 -1.25
N MET C 11 -19.96 -8.67 -1.33
CA MET C 11 -18.55 -8.65 -1.70
C MET C 11 -18.32 -8.82 -3.21
N GLY C 12 -19.41 -9.02 -3.96
CA GLY C 12 -19.34 -9.21 -5.41
C GLY C 12 -18.63 -10.49 -5.85
N VAL C 13 -18.78 -11.54 -5.06
CA VAL C 13 -18.15 -12.81 -5.38
C VAL C 13 -19.21 -13.90 -5.48
N LYS C 14 -18.81 -15.06 -5.97
CA LYS C 14 -19.70 -16.21 -6.06
C LYS C 14 -19.60 -17.08 -4.80
N PRO C 15 -20.71 -17.71 -4.39
CA PRO C 15 -20.66 -18.59 -3.21
C PRO C 15 -19.59 -19.69 -3.28
N THR C 16 -19.13 -20.03 -4.48
CA THR C 16 -18.14 -21.09 -4.68
C THR C 16 -16.69 -20.59 -4.73
N ASP C 17 -16.49 -19.28 -4.67
CA ASP C 17 -15.14 -18.71 -4.70
C ASP C 17 -14.28 -19.12 -3.52
N ASP C 18 -12.99 -19.30 -3.77
CA ASP C 18 -12.11 -19.68 -2.70
C ASP C 18 -11.69 -18.46 -1.89
N LEU C 19 -11.03 -18.70 -0.75
CA LEU C 19 -10.65 -17.64 0.17
C LEU C 19 -9.76 -16.59 -0.49
N LYS C 20 -8.82 -17.03 -1.32
CA LYS C 20 -7.94 -16.11 -2.03
C LYS C 20 -8.75 -15.08 -2.81
N THR C 21 -9.72 -15.56 -3.58
CA THR C 21 -10.62 -14.70 -4.39
C THR C 21 -11.44 -13.73 -3.53
N ILE C 22 -11.99 -14.23 -2.43
CA ILE C 22 -12.75 -13.38 -1.53
C ILE C 22 -11.85 -12.34 -0.86
N LYS C 23 -10.63 -12.73 -0.48
CA LYS C 23 -9.72 -11.77 0.12
C LYS C 23 -9.33 -10.66 -0.88
N THR C 24 -9.12 -11.03 -2.14
CA THR C 24 -8.88 -10.03 -3.18
C THR C 24 -10.06 -9.03 -3.27
N ALA C 25 -11.30 -9.54 -3.23
CA ALA C 25 -12.47 -8.66 -3.27
C ALA C 25 -12.55 -7.75 -2.07
N TYR C 26 -12.21 -8.27 -0.87
CA TYR C 26 -12.14 -7.43 0.31
C TYR C 26 -11.15 -6.28 0.12
N ARG C 27 -9.95 -6.60 -0.36
CA ARG C 27 -8.92 -5.61 -0.61
C ARG C 27 -9.43 -4.52 -1.56
N ARG C 28 -10.06 -4.95 -2.64
CA ARG C 28 -10.63 -4.00 -3.64
C ARG C 28 -11.68 -3.08 -3.02
N LEU C 29 -12.61 -3.67 -2.28
CA LEU C 29 -13.71 -2.90 -1.67
C LEU C 29 -13.22 -1.99 -0.56
N ALA C 30 -12.25 -2.46 0.23
CA ALA C 30 -11.68 -1.62 1.28
C ALA C 30 -10.93 -0.39 0.72
N ARG C 31 -10.22 -0.58 -0.39
CA ARG C 31 -9.57 0.54 -1.08
C ARG C 31 -10.65 1.50 -1.65
N LYS C 32 -11.71 0.94 -2.23
CA LYS C 32 -12.80 1.77 -2.79
C LYS C 32 -13.47 2.64 -1.73
N TYR C 33 -13.66 2.08 -0.54
CA TYR C 33 -14.45 2.76 0.49
C TYR C 33 -13.65 3.38 1.62
N HIS C 34 -12.33 3.27 1.56
CA HIS C 34 -11.48 3.84 2.61
C HIS C 34 -11.79 5.34 2.76
N PRO C 35 -12.07 5.80 4.00
CA PRO C 35 -12.51 7.18 4.30
C PRO C 35 -11.59 8.31 3.81
N ASP C 36 -10.30 8.04 3.67
CA ASP C 36 -9.35 9.08 3.22
C ASP C 36 -9.22 9.25 1.70
N VAL C 37 -9.73 8.30 0.95
CA VAL C 37 -9.64 8.37 -0.52
C VAL C 37 -10.97 8.18 -1.24
N SER C 38 -11.98 7.68 -0.53
CA SER C 38 -13.18 7.24 -1.23
C SER C 38 -13.93 8.41 -1.79
N LYS C 39 -14.33 8.27 -3.05
CA LYS C 39 -15.19 9.26 -3.72
C LYS C 39 -16.65 8.79 -3.73
N GLU C 40 -16.99 7.83 -2.86
CA GLU C 40 -18.36 7.31 -2.77
C GLU C 40 -19.13 8.00 -1.63
N PRO C 41 -20.35 8.51 -1.93
CA PRO C 41 -21.05 9.29 -0.89
C PRO C 41 -21.45 8.49 0.36
N ASP C 42 -21.66 7.19 0.22
CA ASP C 42 -22.12 6.35 1.33
C ASP C 42 -20.99 5.44 1.84
N ALA C 43 -19.76 5.88 1.63
CA ALA C 43 -18.56 5.05 1.87
C ALA C 43 -18.55 4.37 3.24
N GLU C 44 -18.84 5.14 4.30
CA GLU C 44 -18.80 4.60 5.67
C GLU C 44 -19.75 3.40 5.85
N ALA C 45 -21.00 3.58 5.42
CA ALA C 45 -22.01 2.54 5.50
C ALA C 45 -21.69 1.33 4.62
N ARG C 46 -21.19 1.57 3.41
CA ARG C 46 -20.82 0.46 2.52
C ARG C 46 -19.64 -0.33 3.07
N PHE C 47 -18.65 0.36 3.59
CA PHE C 47 -17.52 -0.35 4.16
C PHE C 47 -17.90 -1.18 5.39
N LYS C 48 -18.78 -0.63 6.24
CA LYS C 48 -19.28 -1.37 7.39
C LYS C 48 -19.88 -2.71 6.96
N GLU C 49 -20.70 -2.71 5.90
CA GLU C 49 -21.33 -3.92 5.39
CA GLU C 49 -21.31 -3.97 5.49
C GLU C 49 -20.31 -4.90 4.83
N VAL C 50 -19.33 -4.35 4.11
CA VAL C 50 -18.25 -5.17 3.54
C VAL C 50 -17.47 -5.83 4.68
N ALA C 51 -17.10 -5.05 5.70
CA ALA C 51 -16.36 -5.61 6.83
C ALA C 51 -17.14 -6.70 7.56
N GLU C 52 -18.45 -6.51 7.70
CA GLU C 52 -19.30 -7.55 8.27
C GLU C 52 -19.27 -8.83 7.43
N ALA C 53 -19.42 -8.73 6.10
CA ALA C 53 -19.35 -9.91 5.24
C ALA C 53 -18.00 -10.62 5.34
N TRP C 54 -16.92 -9.84 5.30
CA TRP C 54 -15.57 -10.40 5.37
C TRP C 54 -15.31 -11.10 6.71
N GLU C 55 -15.82 -10.53 7.80
CA GLU C 55 -15.70 -11.14 9.14
C GLU C 55 -16.24 -12.58 9.14
N VAL C 56 -17.32 -12.81 8.40
CA VAL C 56 -17.90 -14.17 8.25
C VAL C 56 -17.11 -15.03 7.24
N LEU C 57 -16.98 -14.50 6.02
CA LEU C 57 -16.46 -15.32 4.92
C LEU C 57 -14.97 -15.69 5.04
N SER C 58 -14.21 -14.93 5.84
CA SER C 58 -12.78 -15.23 6.04
C SER C 58 -12.54 -16.34 7.04
N ASP C 59 -13.60 -16.76 7.72
CA ASP C 59 -13.49 -17.79 8.76
C ASP C 59 -14.16 -19.02 8.18
N GLU C 60 -13.38 -20.07 7.93
CA GLU C 60 -13.94 -21.18 7.17
C GLU C 60 -15.08 -21.90 7.91
N GLN C 61 -15.01 -21.92 9.25
CA GLN C 61 -16.10 -22.46 10.06
C GLN C 61 -17.38 -21.60 9.98
N ARG C 62 -17.24 -20.31 10.20
CA ARG C 62 -18.37 -19.38 10.09
C ARG C 62 -18.96 -19.40 8.68
N ARG C 63 -18.08 -19.47 7.67
CA ARG C 63 -18.52 -19.52 6.29
C ARG C 63 -19.38 -20.75 6.00
N ALA C 64 -18.91 -21.92 6.44
CA ALA C 64 -19.65 -23.19 6.25
C ALA C 64 -21.05 -23.09 6.85
N GLU C 65 -21.13 -22.58 8.07
CA GLU C 65 -22.40 -22.38 8.77
C GLU C 65 -23.31 -21.41 8.00
N TYR C 66 -22.76 -20.27 7.60
CA TYR C 66 -23.52 -19.29 6.81
C TYR C 66 -24.07 -19.93 5.55
N ASP C 67 -23.22 -20.72 4.87
CA ASP C 67 -23.63 -21.35 3.61
C ASP C 67 -24.86 -22.23 3.83
N GLN C 68 -24.85 -22.99 4.93
CA GLN C 68 -25.97 -23.87 5.23
C GLN C 68 -27.26 -23.11 5.51
N MET C 69 -27.15 -22.02 6.26
CA MET C 69 -28.30 -21.20 6.59
C MET C 69 -28.88 -20.49 5.37
N TRP C 70 -27.99 -19.95 4.54
CA TRP C 70 -28.39 -19.19 3.37
C TRP C 70 -29.05 -20.08 2.33
N GLN C 71 -28.40 -21.22 2.07
CA GLN C 71 -28.85 -22.16 1.04
C GLN C 71 -30.27 -22.65 1.28
N HIS C 72 -30.63 -22.82 2.55
CA HIS C 72 -31.88 -23.47 2.92
C HIS C 72 -32.95 -22.53 3.47
N ARG C 73 -32.80 -21.24 3.21
CA ARG C 73 -33.78 -20.29 3.71
C ARG C 73 -35.15 -20.44 3.01
N ASN C 74 -36.21 -20.19 3.78
CA ASN C 74 -37.56 -20.17 3.21
C ASN C 74 -38.28 -18.87 3.52
N LEU D 4 35.00 2.91 -6.73
CA LEU D 4 34.09 1.81 -6.29
C LEU D 4 33.23 2.18 -5.08
N LYS D 5 31.91 2.02 -5.23
CA LYS D 5 30.99 2.33 -4.16
C LYS D 5 30.79 1.11 -3.25
N ASP D 6 30.59 1.39 -1.96
CA ASP D 6 30.26 0.36 -1.00
C ASP D 6 28.74 0.14 -1.00
N TYR D 7 28.27 -0.69 -1.93
CA TYR D 7 26.83 -0.95 -2.07
C TYR D 7 26.18 -1.44 -0.78
N TYR D 8 26.87 -2.30 -0.04
CA TYR D 8 26.35 -2.81 1.24
C TYR D 8 26.18 -1.74 2.33
N ALA D 9 27.13 -0.81 2.40
CA ALA D 9 27.04 0.32 3.33
C ALA D 9 25.87 1.22 2.95
N ILE D 10 25.73 1.49 1.66
CA ILE D 10 24.66 2.34 1.12
C ILE D 10 23.27 1.86 1.55
N MET D 11 23.14 0.55 1.67
CA MET D 11 21.87 -0.10 1.99
C MET D 11 21.78 -0.52 3.45
N GLY D 12 22.84 -0.30 4.20
CA GLY D 12 22.85 -0.63 5.62
C GLY D 12 22.71 -2.11 5.92
N VAL D 13 23.31 -2.94 5.06
CA VAL D 13 23.32 -4.39 5.23
C VAL D 13 24.75 -4.94 5.29
N LYS D 14 24.89 -6.19 5.73
CA LYS D 14 26.19 -6.86 5.78
C LYS D 14 26.47 -7.57 4.43
N PRO D 15 27.76 -7.68 4.05
CA PRO D 15 28.08 -8.41 2.81
C PRO D 15 27.53 -9.84 2.77
N THR D 16 27.27 -10.43 3.93
CA THR D 16 26.79 -11.83 3.99
C THR D 16 25.27 -11.99 4.07
N ASP D 17 24.53 -10.88 4.15
CA ASP D 17 23.07 -10.92 4.25
C ASP D 17 22.42 -11.58 3.04
N ASP D 18 21.31 -12.28 3.25
CA ASP D 18 20.60 -12.93 2.15
C ASP D 18 19.73 -11.94 1.36
N LEU D 19 19.18 -12.38 0.23
CA LEU D 19 18.37 -11.51 -0.62
C LEU D 19 17.16 -10.94 0.12
N LYS D 20 16.52 -11.78 0.93
CA LYS D 20 15.35 -11.39 1.73
C LYS D 20 15.65 -10.19 2.62
N THR D 21 16.79 -10.22 3.30
CA THR D 21 17.21 -9.13 4.18
C THR D 21 17.52 -7.85 3.40
N ILE D 22 18.22 -7.99 2.26
CA ILE D 22 18.55 -6.82 1.44
C ILE D 22 17.29 -6.19 0.85
N LYS D 23 16.33 -7.04 0.46
CA LYS D 23 15.05 -6.56 -0.10
C LYS D 23 14.25 -5.78 0.97
N THR D 24 14.28 -6.23 2.21
CA THR D 24 13.60 -5.49 3.27
C THR D 24 14.26 -4.12 3.41
N ALA D 25 15.59 -4.10 3.35
CA ALA D 25 16.32 -2.83 3.38
C ALA D 25 15.97 -1.91 2.20
N TYR D 26 15.88 -2.50 1.00
CA TYR D 26 15.46 -1.70 -0.16
C TYR D 26 14.08 -1.07 0.07
N ARG D 27 13.18 -1.86 0.62
CA ARG D 27 11.81 -1.40 0.89
C ARG D 27 11.83 -0.19 1.82
N ARG D 28 12.62 -0.30 2.89
CA ARG D 28 12.76 0.75 3.87
C ARG D 28 13.32 2.01 3.20
N LEU D 29 14.43 1.84 2.48
CA LEU D 29 15.11 2.99 1.91
C LEU D 29 14.33 3.63 0.75
N ALA D 30 13.59 2.81 -0.01
CA ALA D 30 12.73 3.34 -1.07
C ALA D 30 11.57 4.13 -0.47
N ARG D 31 11.00 3.61 0.62
CA ARG D 31 9.99 4.37 1.30
C ARG D 31 10.55 5.69 1.82
N LYS D 32 11.77 5.68 2.30
CA LYS D 32 12.39 6.89 2.86
C LYS D 32 12.76 7.95 1.83
N TYR D 33 13.20 7.50 0.65
CA TYR D 33 13.85 8.37 -0.34
C TYR D 33 13.22 8.41 -1.74
N HIS D 34 12.22 7.56 -2.02
CA HIS D 34 11.53 7.60 -3.33
C HIS D 34 10.99 9.02 -3.58
N PRO D 35 11.17 9.57 -4.81
CA PRO D 35 10.78 10.96 -5.08
C PRO D 35 9.32 11.31 -4.82
N ASP D 36 8.45 10.32 -4.92
CA ASP D 36 7.02 10.55 -4.73
C ASP D 36 6.55 10.31 -3.28
N VAL D 37 7.44 9.76 -2.46
CA VAL D 37 7.12 9.39 -1.07
C VAL D 37 7.97 10.16 -0.03
N SER D 38 9.18 10.56 -0.42
CA SER D 38 10.15 11.12 0.53
C SER D 38 9.83 12.55 0.99
N LYS D 39 10.16 12.82 2.25
CA LYS D 39 10.17 14.18 2.79
C LYS D 39 11.60 14.64 3.12
N GLU D 40 12.59 13.90 2.64
CA GLU D 40 13.99 14.19 2.95
C GLU D 40 14.53 15.23 1.98
N PRO D 41 15.35 16.18 2.49
CA PRO D 41 15.93 17.20 1.62
C PRO D 41 16.93 16.67 0.58
N ASP D 42 17.59 15.55 0.89
CA ASP D 42 18.57 14.96 -0.03
C ASP D 42 18.02 13.70 -0.74
N ALA D 43 16.70 13.63 -0.90
CA ALA D 43 16.02 12.44 -1.41
C ALA D 43 16.54 11.95 -2.77
N GLU D 44 16.63 12.86 -3.74
CA GLU D 44 17.12 12.50 -5.08
C GLU D 44 18.50 11.87 -5.03
N ALA D 45 19.44 12.56 -4.37
CA ALA D 45 20.81 12.05 -4.24
C ALA D 45 20.84 10.70 -3.52
N ARG D 46 20.12 10.58 -2.40
CA ARG D 46 20.16 9.34 -1.62
C ARG D 46 19.48 8.18 -2.36
N PHE D 47 18.34 8.46 -3.00
CA PHE D 47 17.63 7.42 -3.75
C PHE D 47 18.42 6.97 -4.99
N LYS D 48 19.17 7.91 -5.59
CA LYS D 48 20.01 7.56 -6.71
C LYS D 48 21.02 6.48 -6.28
N GLU D 49 21.67 6.69 -5.14
CA GLU D 49 22.66 5.72 -4.64
C GLU D 49 22.02 4.38 -4.24
N VAL D 50 20.85 4.44 -3.60
CA VAL D 50 20.15 3.24 -3.18
C VAL D 50 19.65 2.41 -4.37
N ALA D 51 19.05 3.09 -5.36
CA ALA D 51 18.53 2.37 -6.55
C ALA D 51 19.67 1.72 -7.34
N GLU D 52 20.82 2.41 -7.41
CA GLU D 52 21.98 1.85 -8.08
C GLU D 52 22.48 0.61 -7.33
N ALA D 53 22.59 0.71 -6.02
CA ALA D 53 23.01 -0.43 -5.21
C ALA D 53 22.06 -1.63 -5.32
N TRP D 54 20.76 -1.35 -5.36
CA TRP D 54 19.75 -2.41 -5.39
C TRP D 54 19.79 -3.08 -6.75
N GLU D 55 20.01 -2.29 -7.81
CA GLU D 55 20.15 -2.82 -9.17
C GLU D 55 21.19 -3.95 -9.23
N VAL D 56 22.29 -3.79 -8.47
CA VAL D 56 23.37 -4.78 -8.39
C VAL D 56 23.07 -5.90 -7.39
N LEU D 57 22.76 -5.54 -6.15
CA LEU D 57 22.66 -6.53 -5.09
C LEU D 57 21.45 -7.48 -5.25
N SER D 58 20.42 -7.04 -5.95
CA SER D 58 19.21 -7.86 -6.09
C SER D 58 19.38 -9.04 -7.06
N ASP D 59 20.44 -8.99 -7.86
CA ASP D 59 20.66 -9.99 -8.90
C ASP D 59 21.84 -10.87 -8.53
N GLU D 60 21.62 -12.19 -8.53
CA GLU D 60 22.63 -13.13 -8.05
C GLU D 60 23.95 -12.99 -8.80
N GLN D 61 23.89 -13.00 -10.14
CA GLN D 61 25.08 -12.87 -10.99
C GLN D 61 25.73 -11.50 -10.82
N ARG D 62 24.94 -10.42 -10.88
CA ARG D 62 25.48 -9.06 -10.69
C ARG D 62 26.16 -8.92 -9.34
N ARG D 63 25.51 -9.46 -8.30
CA ARG D 63 26.07 -9.41 -6.96
C ARG D 63 27.36 -10.21 -6.84
N ALA D 64 27.41 -11.35 -7.52
CA ALA D 64 28.61 -12.20 -7.53
C ALA D 64 29.83 -11.46 -8.10
N GLU D 65 29.69 -10.84 -9.27
CA GLU D 65 30.80 -10.08 -9.85
C GLU D 65 31.21 -8.83 -9.08
N TYR D 66 30.23 -8.15 -8.46
CA TYR D 66 30.54 -7.01 -7.60
C TYR D 66 31.40 -7.43 -6.42
N ASP D 67 31.05 -8.56 -5.82
CA ASP D 67 31.79 -9.11 -4.68
C ASP D 67 33.26 -9.35 -5.04
N GLN D 68 33.50 -9.95 -6.19
CA GLN D 68 34.85 -10.16 -6.73
C GLN D 68 35.61 -8.84 -6.86
N MET D 69 34.99 -7.92 -7.60
CA MET D 69 35.51 -6.59 -7.89
C MET D 69 35.89 -5.77 -6.65
N TRP D 70 35.25 -6.06 -5.52
CA TRP D 70 35.47 -5.33 -4.27
C TRP D 70 36.64 -5.90 -3.46
N GLN D 71 36.99 -7.16 -3.73
CA GLN D 71 38.10 -7.82 -3.04
C GLN D 71 39.46 -7.41 -3.61
N HIS D 72 39.50 -7.13 -4.91
CA HIS D 72 40.74 -6.76 -5.58
C HIS D 72 40.80 -5.26 -5.89
#